data_3HYJ
#
_entry.id   3HYJ
#
_cell.length_a   50.448
_cell.length_b   79.899
_cell.length_c   115.426
_cell.angle_alpha   90.00
_cell.angle_beta   90.00
_cell.angle_gamma   90.00
#
_symmetry.space_group_name_H-M   'P 21 21 21'
#
loop_
_entity.id
_entity.type
_entity.pdbx_description
1 polymer 'Protein DUF199/WhiA'
2 non-polymer GLYCEROL
3 non-polymer 'SODIUM ION'
4 non-polymer 'CHLORIDE ION'
5 water water
#
_entity_poly.entity_id   1
_entity_poly.type   'polypeptide(L)'
_entity_poly.pdbx_seq_one_letter_code
;MVSLLRRTFSEEIKEELVNVPFGSREEVISELLGFIKARGDLDVKSRHIVFSLHSFAASRRLLNLMKYLSKPVSEIIVEK
SHNIKKRYIKITAEYSESFMVIEPFFDVALFVSFLRGLFLSGGSMTNPRYHYHLEINLFEEETLALTRKSLKDFFNINAG
IIELRNTRKLYIKSIKDILVFLEAIGVQRKLEEIDRIV
;
_entity_poly.pdbx_strand_id   A,D
#
# COMPACT_ATOMS: atom_id res chain seq x y z
N MET A 1 -11.32 17.56 2.06
CA MET A 1 -10.54 16.28 2.02
C MET A 1 -9.27 16.44 1.19
N VAL A 2 -8.28 15.59 1.45
CA VAL A 2 -6.98 15.72 0.81
C VAL A 2 -6.68 14.53 -0.11
N SER A 3 -6.19 14.81 -1.32
CA SER A 3 -5.95 13.79 -2.33
C SER A 3 -4.55 13.26 -2.20
N LEU A 4 -4.40 11.96 -2.47
CA LEU A 4 -3.11 11.29 -2.42
C LEU A 4 -2.63 10.95 -3.82
N LEU A 5 -3.39 11.36 -4.83
CA LEU A 5 -3.10 10.99 -6.21
C LEU A 5 -2.43 12.14 -6.95
N ARG A 6 -1.14 11.98 -7.25
CA ARG A 6 -0.42 12.81 -8.21
C ARG A 6 -0.25 11.99 -9.48
N ARG A 7 -0.65 12.55 -10.62
CA ARG A 7 -0.33 11.99 -11.93
C ARG A 7 0.85 12.78 -12.51
N THR A 8 2.05 12.41 -12.10
CA THR A 8 3.26 12.84 -12.75
C THR A 8 4.00 11.62 -13.23
N PHE A 9 4.94 11.85 -14.13
CA PHE A 9 5.82 10.83 -14.63
C PHE A 9 6.62 10.19 -13.50
N SER A 10 7.05 11.02 -12.56
CA SER A 10 7.83 10.53 -11.45
C SER A 10 7.05 9.49 -10.72
N GLU A 11 5.77 9.75 -10.43
CA GLU A 11 4.99 8.75 -9.67
C GLU A 11 4.85 7.47 -10.47
N GLU A 12 4.55 7.58 -11.77
CA GLU A 12 4.29 6.37 -12.57
C GLU A 12 5.48 5.42 -12.34
N ILE A 13 6.68 5.97 -12.45
CA ILE A 13 7.90 5.22 -12.14
C ILE A 13 7.93 4.65 -10.70
N LYS A 14 7.65 5.50 -9.71
CA LYS A 14 7.62 5.09 -8.31
C LYS A 14 6.55 4.02 -7.98
N GLU A 15 5.41 4.06 -8.65
CA GLU A 15 4.41 3.00 -8.49
C GLU A 15 4.92 1.67 -9.01
N GLU A 16 5.70 1.69 -10.07
CA GLU A 16 6.28 0.47 -10.57
C GLU A 16 7.30 -0.11 -9.57
N LEU A 17 7.92 0.75 -8.76
CA LEU A 17 8.94 0.34 -7.79
C LEU A 17 8.39 -0.16 -6.47
N VAL A 18 7.15 0.19 -6.13
CA VAL A 18 6.58 -0.29 -4.89
C VAL A 18 6.61 -1.83 -4.80
N ASN A 19 6.52 -2.49 -5.96
CA ASN A 19 6.36 -3.93 -6.06
C ASN A 19 7.63 -4.78 -6.16
N VAL A 20 8.76 -4.19 -6.51
CA VAL A 20 10.03 -4.96 -6.58
C VAL A 20 10.25 -5.82 -5.31
N PRO A 21 10.41 -7.16 -5.45
CA PRO A 21 10.57 -8.00 -4.25
C PRO A 21 11.78 -7.60 -3.43
N PHE A 22 11.83 -7.99 -2.17
CA PHE A 22 12.67 -7.28 -1.21
C PHE A 22 14.19 -7.54 -1.23
N GLY A 23 14.57 -8.82 -1.21
CA GLY A 23 15.97 -9.21 -1.15
C GLY A 23 16.42 -9.58 0.25
N SER A 24 17.73 -9.59 0.45
CA SER A 24 18.32 -9.92 1.75
C SER A 24 17.93 -8.87 2.76
N ARG A 25 18.01 -9.23 4.03
CA ARG A 25 17.77 -8.26 5.09
C ARG A 25 18.60 -6.99 4.86
N GLU A 26 19.83 -7.21 4.43
CA GLU A 26 20.79 -6.14 4.30
C GLU A 26 20.46 -5.22 3.11
N GLU A 27 19.93 -5.81 2.04
CA GLU A 27 19.44 -5.04 0.90
C GLU A 27 18.25 -4.17 1.31
N VAL A 28 17.37 -4.70 2.14
CA VAL A 28 16.25 -3.97 2.69
C VAL A 28 16.72 -2.85 3.58
N ILE A 29 17.71 -3.11 4.42
CA ILE A 29 18.23 -2.07 5.30
C ILE A 29 18.92 -0.95 4.51
N SER A 30 19.63 -1.29 3.42
CA SER A 30 20.27 -0.28 2.57
C SER A 30 19.29 0.67 1.86
N GLU A 31 18.18 0.13 1.36
CA GLU A 31 17.11 0.95 0.82
C GLU A 31 16.54 1.89 1.87
N LEU A 32 16.32 1.35 3.06
CA LEU A 32 15.82 2.17 4.17
C LEU A 32 16.77 3.34 4.45
N LEU A 33 18.09 3.08 4.38
CA LEU A 33 19.06 4.16 4.55
C LEU A 33 18.91 5.19 3.43
N GLY A 34 18.62 4.71 2.21
CA GLY A 34 18.26 5.61 1.11
C GLY A 34 17.20 6.60 1.55
N PHE A 35 16.05 6.08 2.00
CA PHE A 35 14.94 6.90 2.48
C PHE A 35 15.41 7.82 3.56
N ILE A 36 16.21 7.29 4.48
CA ILE A 36 16.66 8.04 5.67
C ILE A 36 17.50 9.20 5.18
N LYS A 37 18.48 8.95 4.33
CA LYS A 37 19.38 10.03 3.90
C LYS A 37 18.69 11.06 3.01
N ALA A 38 17.74 10.64 2.17
CA ALA A 38 17.05 11.59 1.32
C ALA A 38 16.00 12.39 2.12
N ARG A 39 15.28 11.73 3.04
CA ARG A 39 14.12 12.35 3.72
C ARG A 39 13.92 12.09 5.24
N GLY A 40 14.90 11.51 5.92
CA GLY A 40 14.73 11.11 7.30
C GLY A 40 15.08 12.23 8.23
N ASP A 41 14.46 12.24 9.42
CA ASP A 41 14.82 13.18 10.47
C ASP A 41 14.80 12.47 11.82
N LEU A 42 15.99 12.32 12.42
CA LEU A 42 16.20 11.68 13.73
C LEU A 42 15.98 12.67 14.86
N ASP A 43 15.31 12.20 15.92
CA ASP A 43 15.11 13.00 17.14
C ASP A 43 14.51 12.10 18.23
N ARG A 47 14.01 6.32 19.87
CA ARG A 47 13.53 6.47 18.50
C ARG A 47 13.31 7.96 18.34
N HIS A 48 12.74 8.44 17.22
CA HIS A 48 12.26 7.67 16.05
C HIS A 48 12.88 8.37 14.87
N ILE A 49 12.58 7.94 13.66
CA ILE A 49 12.85 8.74 12.49
C ILE A 49 11.49 9.22 11.96
N VAL A 50 11.39 10.48 11.59
CA VAL A 50 10.22 11.00 10.90
C VAL A 50 10.56 11.19 9.42
N PHE A 51 9.80 10.56 8.54
CA PHE A 51 10.04 10.67 7.11
C PHE A 51 8.99 11.58 6.50
N SER A 52 9.43 12.64 5.83
CA SER A 52 8.52 13.55 5.13
C SER A 52 8.55 13.26 3.64
N LEU A 53 7.52 12.57 3.15
CA LEU A 53 7.50 12.11 1.76
C LEU A 53 6.49 12.86 0.91
N HIS A 54 6.86 13.17 -0.32
CA HIS A 54 5.96 13.80 -1.28
C HIS A 54 5.26 12.74 -2.14
N SER A 55 5.85 11.55 -2.20
CA SER A 55 5.39 10.45 -3.03
C SER A 55 4.61 9.42 -2.25
N PHE A 56 3.35 9.24 -2.64
CA PHE A 56 2.46 8.24 -2.03
C PHE A 56 3.04 6.84 -2.17
N ALA A 57 3.54 6.56 -3.37
CA ALA A 57 4.18 5.27 -3.67
C ALA A 57 5.40 5.05 -2.77
N ALA A 58 6.27 6.05 -2.66
CA ALA A 58 7.45 5.89 -1.77
C ALA A 58 6.96 5.61 -0.37
N SER A 59 5.91 6.30 0.02
CA SER A 59 5.30 6.17 1.31
C SER A 59 4.80 4.75 1.56
N ARG A 60 4.09 4.16 0.60
CA ARG A 60 3.68 2.73 0.69
C ARG A 60 4.90 1.77 0.82
N ARG A 61 5.95 2.04 0.05
CA ARG A 61 7.15 1.24 0.10
C ARG A 61 7.76 1.28 1.50
N LEU A 62 7.89 2.48 2.05
CA LEU A 62 8.43 2.65 3.39
C LEU A 62 7.71 1.75 4.41
N LEU A 63 6.38 1.75 4.40
CA LEU A 63 5.61 0.97 5.37
C LEU A 63 5.88 -0.53 5.22
N ASN A 64 6.16 -0.97 3.99
CA ASN A 64 6.52 -2.34 3.75
C ASN A 64 7.93 -2.61 4.27
N LEU A 65 8.86 -1.70 4.02
CA LEU A 65 10.20 -1.79 4.57
C LEU A 65 10.11 -2.03 6.09
N MET A 66 9.38 -1.17 6.77
CA MET A 66 9.18 -1.32 8.22
C MET A 66 8.48 -2.64 8.63
N LYS A 67 7.55 -3.14 7.81
CA LYS A 67 6.89 -4.39 8.16
C LYS A 67 7.97 -5.48 8.13
N TYR A 68 8.62 -5.66 6.98
CA TYR A 68 9.68 -6.67 6.82
C TYR A 68 10.70 -6.64 7.97
N LEU A 69 11.12 -5.43 8.36
CA LEU A 69 12.06 -5.24 9.48
C LEU A 69 11.43 -5.31 10.88
N SER A 70 10.13 -5.53 10.96
CA SER A 70 9.42 -5.59 12.24
C SER A 70 9.53 -4.30 13.07
N LYS A 71 9.48 -3.17 12.37
CA LYS A 71 9.68 -1.88 13.00
C LYS A 71 8.34 -1.14 13.14
N PRO A 72 7.91 -0.87 14.38
CA PRO A 72 6.64 -0.19 14.62
C PRO A 72 6.55 1.21 13.99
N VAL A 73 5.52 1.41 13.16
CA VAL A 73 5.21 2.73 12.65
C VAL A 73 4.23 3.37 13.63
N SER A 74 4.62 4.56 14.06
CA SER A 74 3.99 5.26 15.15
C SER A 74 2.80 6.08 14.63
N GLU A 75 2.92 6.59 13.41
CA GLU A 75 1.96 7.54 12.89
C GLU A 75 2.13 7.76 11.40
N ILE A 76 1.01 7.93 10.71
CA ILE A 76 0.98 8.25 9.30
C ILE A 76 -0.05 9.36 9.12
N ILE A 77 0.42 10.60 8.99
CA ILE A 77 -0.46 11.74 8.81
C ILE A 77 -0.23 12.33 7.41
N VAL A 78 -1.32 12.73 6.75
CA VAL A 78 -1.26 13.44 5.48
C VAL A 78 -1.45 14.92 5.77
N GLU A 79 -0.49 15.75 5.37
CA GLU A 79 -0.61 17.20 5.54
C GLU A 79 -1.26 17.82 4.30
N LYS A 80 -2.35 18.57 4.50
CA LYS A 80 -3.11 19.13 3.38
C LYS A 80 -2.38 20.35 2.78
N SER A 81 -2.56 20.53 1.48
CA SER A 81 -2.07 21.71 0.75
C SER A 81 -2.89 23.02 0.96
N HIS A 82 -4.22 23.00 1.13
CA HIS A 82 -5.14 21.92 0.80
C HIS A 82 -5.63 22.15 -0.63
N ARG A 87 0.91 19.16 -0.29
CA ARG A 87 0.80 17.96 0.48
C ARG A 87 2.20 17.34 0.72
N TYR A 88 2.30 16.57 1.79
CA TYR A 88 3.28 15.50 1.91
C TYR A 88 2.70 14.47 2.89
N ILE A 89 3.39 13.35 3.10
CA ILE A 89 2.96 12.35 4.07
C ILE A 89 4.07 12.19 5.11
N LYS A 90 3.76 12.38 6.38
CA LYS A 90 4.72 12.18 7.47
C LYS A 90 4.51 10.79 8.05
N ILE A 91 5.46 9.90 7.82
CA ILE A 91 5.54 8.62 8.53
C ILE A 91 6.59 8.69 9.65
N THR A 92 6.16 8.34 10.88
CA THR A 92 7.06 8.30 12.05
C THR A 92 7.30 6.85 12.46
N ALA A 93 8.56 6.44 12.54
CA ALA A 93 8.94 5.03 12.64
C ALA A 93 10.08 4.73 13.65
N GLU A 94 9.87 3.68 14.44
CA GLU A 94 10.94 3.15 15.28
C GLU A 94 12.09 2.71 14.40
N TYR A 95 13.28 2.60 14.99
CA TYR A 95 14.46 2.15 14.26
C TYR A 95 15.43 1.50 15.23
N SER A 96 16.41 0.79 14.68
CA SER A 96 17.50 0.33 15.49
C SER A 96 18.79 0.90 14.92
N GLU A 97 19.69 1.25 15.83
CA GLU A 97 20.91 1.96 15.45
C GLU A 97 21.79 1.29 14.40
N SER A 98 21.79 -0.04 14.32
CA SER A 98 22.55 -0.74 13.27
C SER A 98 22.12 -0.30 11.88
N PHE A 99 20.88 0.15 11.73
CA PHE A 99 20.40 0.67 10.44
C PHE A 99 21.17 1.87 9.95
N MET A 100 21.63 2.70 10.88
CA MET A 100 22.21 3.99 10.56
C MET A 100 23.60 3.89 9.96
N VAL A 101 24.21 2.71 10.11
CA VAL A 101 25.64 2.56 10.04
C VAL A 101 26.03 1.47 9.03
N ILE A 102 25.03 0.95 8.31
CA ILE A 102 25.26 0.06 7.17
C ILE A 102 25.95 0.91 6.11
N GLU A 103 26.84 0.30 5.33
CA GLU A 103 27.62 1.00 4.32
C GLU A 103 27.42 0.31 2.99
N PRO A 104 26.51 0.81 2.14
CA PRO A 104 26.10 0.05 0.96
C PRO A 104 26.79 0.47 -0.32
N PHE A 105 27.96 1.09 -0.19
CA PHE A 105 28.64 1.69 -1.34
C PHE A 105 29.64 0.78 -2.04
N PHE A 106 30.01 -0.33 -1.43
CA PHE A 106 31.06 -1.20 -1.96
C PHE A 106 30.56 -2.57 -2.44
N ASP A 107 29.25 -2.77 -2.41
CA ASP A 107 28.62 -3.99 -2.87
C ASP A 107 27.48 -3.55 -3.78
N VAL A 108 27.58 -3.91 -5.06
CA VAL A 108 26.62 -3.37 -6.05
C VAL A 108 25.15 -3.63 -5.67
N ALA A 109 24.83 -4.82 -5.15
CA ALA A 109 23.46 -5.12 -4.70
C ALA A 109 22.99 -4.23 -3.56
N LEU A 110 23.84 -3.93 -2.59
CA LEU A 110 23.41 -3.05 -1.51
C LEU A 110 23.31 -1.62 -2.05
N PHE A 111 24.22 -1.25 -2.95
CA PHE A 111 24.20 0.08 -3.51
C PHE A 111 22.95 0.27 -4.32
N VAL A 112 22.69 -0.67 -5.21
CA VAL A 112 21.44 -0.60 -5.97
C VAL A 112 20.26 -0.41 -5.03
N SER A 113 20.19 -1.19 -3.95
CA SER A 113 19.08 -1.08 -3.00
C SER A 113 19.03 0.32 -2.38
N PHE A 114 20.19 0.89 -2.16
CA PHE A 114 20.29 2.21 -1.59
C PHE A 114 19.86 3.31 -2.59
N LEU A 115 20.22 3.15 -3.85
CA LEU A 115 19.79 4.11 -4.87
C LEU A 115 18.29 4.08 -4.95
N ARG A 116 17.70 2.89 -4.89
CA ARG A 116 16.25 2.75 -4.95
C ARG A 116 15.58 3.55 -3.84
N GLY A 117 16.15 3.54 -2.64
CA GLY A 117 15.60 4.30 -1.52
C GLY A 117 15.74 5.80 -1.70
N LEU A 118 16.90 6.25 -2.16
CA LEU A 118 17.09 7.66 -2.46
C LEU A 118 16.05 8.19 -3.46
N PHE A 119 15.81 7.41 -4.51
CA PHE A 119 15.00 7.90 -5.61
C PHE A 119 13.52 7.95 -5.31
N LEU A 120 13.03 6.90 -4.66
CA LEU A 120 11.65 6.87 -4.19
C LEU A 120 11.39 8.08 -3.29
N SER A 121 12.24 8.26 -2.28
CA SER A 121 11.98 9.20 -1.20
C SER A 121 12.32 10.63 -1.56
N GLY A 122 13.37 10.84 -2.35
CA GLY A 122 13.79 12.19 -2.65
C GLY A 122 14.07 12.45 -4.11
N GLY A 123 13.76 11.51 -4.98
CA GLY A 123 14.01 11.62 -6.41
C GLY A 123 12.83 12.08 -7.26
N SER A 124 13.15 12.70 -8.39
CA SER A 124 12.15 13.05 -9.39
C SER A 124 12.82 13.13 -10.77
N MET A 125 11.98 13.04 -11.79
CA MET A 125 12.46 13.01 -13.15
C MET A 125 11.48 13.72 -14.03
N THR A 126 11.98 14.53 -14.95
CA THR A 126 11.11 15.13 -15.94
C THR A 126 10.73 14.08 -16.98
N ASN A 127 9.51 14.21 -17.50
CA ASN A 127 9.09 13.45 -18.66
C ASN A 127 10.13 13.61 -19.77
N PRO A 128 10.78 12.50 -20.13
CA PRO A 128 11.97 12.48 -20.98
C PRO A 128 11.71 12.82 -22.43
N ARG A 129 10.45 12.74 -22.84
CA ARG A 129 10.01 13.30 -24.12
C ARG A 129 10.20 14.83 -24.20
N TYR A 130 10.09 15.52 -23.07
CA TYR A 130 10.25 16.97 -23.02
C TYR A 130 11.69 17.42 -22.74
N HIS A 131 12.40 16.68 -21.87
CA HIS A 131 13.65 17.14 -21.27
C HIS A 131 14.34 16.02 -20.45
N TYR A 132 15.68 15.88 -20.56
CA TYR A 132 16.43 14.83 -19.82
C TYR A 132 16.96 15.35 -18.47
N HIS A 133 16.34 14.91 -17.37
CA HIS A 133 16.66 15.47 -16.06
C HIS A 133 16.17 14.57 -14.96
N LEU A 134 17.09 14.07 -14.14
CA LEU A 134 16.77 13.25 -12.97
C LEU A 134 17.57 13.77 -11.79
N GLU A 135 16.90 14.07 -10.69
CA GLU A 135 17.60 14.57 -9.54
C GLU A 135 17.13 13.84 -8.30
N ILE A 136 17.99 13.85 -7.29
CA ILE A 136 17.65 13.30 -5.98
C ILE A 136 18.09 14.24 -4.87
N ASN A 137 17.14 14.71 -4.09
CA ASN A 137 17.44 15.47 -2.89
C ASN A 137 18.33 14.66 -1.99
N LEU A 138 19.53 15.14 -1.71
CA LEU A 138 20.45 14.42 -0.81
C LEU A 138 21.40 15.41 -0.20
N PHE A 139 21.29 15.67 1.08
CA PHE A 139 21.94 16.85 1.62
C PHE A 139 23.40 16.66 2.05
N GLU A 140 23.67 15.55 2.72
CA GLU A 140 24.93 15.32 3.37
C GLU A 140 26.03 15.15 2.33
N GLU A 141 27.08 15.95 2.41
CA GLU A 141 28.13 15.90 1.40
C GLU A 141 28.90 14.58 1.35
N GLU A 142 29.28 14.00 2.49
CA GLU A 142 29.94 12.69 2.45
C GLU A 142 29.10 11.69 1.65
N THR A 143 27.81 11.58 1.96
CA THR A 143 26.95 10.59 1.31
C THR A 143 26.84 10.86 -0.18
N LEU A 144 26.68 12.14 -0.53
CA LEU A 144 26.65 12.62 -1.91
C LEU A 144 27.90 12.20 -2.69
N ALA A 145 29.06 12.39 -2.09
CA ALA A 145 30.31 12.13 -2.78
C ALA A 145 30.50 10.60 -2.96
N LEU A 146 30.13 9.83 -1.93
CA LEU A 146 30.24 8.38 -2.00
C LEU A 146 29.31 7.81 -3.08
N THR A 147 28.12 8.38 -3.21
CA THR A 147 27.14 7.88 -4.17
C THR A 147 27.59 8.16 -5.60
N ARG A 148 28.17 9.34 -5.82
CA ARG A 148 28.69 9.66 -7.15
C ARG A 148 29.83 8.72 -7.52
N LYS A 149 30.75 8.51 -6.58
CA LYS A 149 31.86 7.62 -6.83
C LYS A 149 31.30 6.26 -7.25
N SER A 150 30.33 5.75 -6.47
CA SER A 150 29.84 4.39 -6.69
C SER A 150 29.04 4.31 -7.98
N LEU A 151 28.34 5.38 -8.31
CA LEU A 151 27.67 5.44 -9.59
C LEU A 151 28.66 5.35 -10.75
N LYS A 152 29.73 6.12 -10.70
CA LYS A 152 30.68 6.12 -11.80
C LYS A 152 31.29 4.72 -11.84
N ASP A 153 31.92 4.33 -10.73
CA ASP A 153 32.51 3.01 -10.53
C ASP A 153 31.73 1.80 -11.07
N PHE A 154 30.52 1.62 -10.58
CA PHE A 154 29.72 0.44 -10.93
C PHE A 154 29.02 0.61 -12.26
N PHE A 155 28.59 1.83 -12.56
CA PHE A 155 27.70 2.04 -13.71
C PHE A 155 28.23 2.94 -14.78
N ASN A 156 29.39 3.53 -14.56
CA ASN A 156 29.97 4.45 -15.51
C ASN A 156 29.09 5.70 -15.64
N ILE A 157 28.27 5.95 -14.61
CA ILE A 157 27.29 7.02 -14.62
C ILE A 157 27.90 8.30 -14.08
N ASN A 158 27.87 9.35 -14.89
CA ASN A 158 28.36 10.66 -14.47
C ASN A 158 27.25 11.42 -13.75
N ALA A 159 27.37 11.52 -12.43
CA ALA A 159 26.39 12.23 -11.63
C ALA A 159 26.97 13.58 -11.22
N GLY A 160 26.13 14.60 -11.22
CA GLY A 160 26.53 15.94 -10.79
C GLY A 160 25.88 16.37 -9.48
N ILE A 161 26.15 17.61 -9.08
CA ILE A 161 25.58 18.18 -7.88
C ILE A 161 24.93 19.50 -8.25
N ILE A 162 23.64 19.64 -7.92
CA ILE A 162 22.94 20.93 -8.01
C ILE A 162 23.01 21.53 -6.63
N GLU A 163 23.43 22.78 -6.54
CA GLU A 163 23.47 23.46 -5.28
C GLU A 163 22.66 24.71 -5.43
N LEU A 164 21.64 24.84 -4.61
CA LEU A 164 20.76 25.97 -4.72
C LEU A 164 20.06 26.21 -3.38
N ARG A 165 20.37 27.34 -2.73
CA ARG A 165 19.68 27.76 -1.50
C ARG A 165 19.71 26.78 -0.35
N ASN A 166 20.90 26.48 0.14
CA ASN A 166 21.01 25.53 1.24
C ASN A 166 20.25 24.20 1.00
N THR A 167 20.05 23.82 -0.27
CA THR A 167 19.68 22.45 -0.61
C THR A 167 20.71 21.87 -1.60
N ARG A 168 20.78 20.54 -1.67
CA ARG A 168 21.73 19.86 -2.56
C ARG A 168 21.08 18.71 -3.22
N LYS A 169 21.25 18.58 -4.54
CA LYS A 169 20.70 17.47 -5.27
C LYS A 169 21.81 16.79 -6.02
N LEU A 170 21.73 15.47 -6.06
CA LEU A 170 22.46 14.65 -6.98
C LEU A 170 21.72 14.71 -8.31
N TYR A 171 22.45 14.85 -9.39
CA TYR A 171 21.88 15.26 -10.68
C TYR A 171 22.39 14.40 -11.83
N ILE A 172 21.48 13.93 -12.68
CA ILE A 172 21.82 13.18 -13.90
C ILE A 172 21.10 13.78 -15.10
N LYS A 173 21.86 13.96 -16.17
CA LYS A 173 21.52 14.79 -17.31
C LYS A 173 21.37 13.91 -18.53
N SER A 174 22.17 12.85 -18.58
CA SER A 174 22.31 12.02 -19.77
C SER A 174 21.22 10.97 -19.80
N ILE A 175 20.47 10.87 -20.90
CA ILE A 175 19.37 9.89 -20.98
C ILE A 175 19.88 8.44 -20.94
N LYS A 176 21.04 8.18 -21.55
CA LYS A 176 21.64 6.85 -21.47
C LYS A 176 21.92 6.54 -19.99
N ASP A 177 22.38 7.55 -19.24
CA ASP A 177 22.59 7.45 -17.78
C ASP A 177 21.32 7.25 -16.96
N ILE A 178 20.28 8.01 -17.26
CA ILE A 178 19.00 7.85 -16.59
C ILE A 178 18.51 6.43 -16.84
N LEU A 179 18.57 5.99 -18.09
CA LEU A 179 18.18 4.62 -18.42
C LEU A 179 18.94 3.57 -17.60
N VAL A 180 20.26 3.70 -17.53
CA VAL A 180 21.04 2.69 -16.82
C VAL A 180 20.58 2.66 -15.36
N PHE A 181 20.44 3.85 -14.78
CA PHE A 181 20.04 4.03 -13.38
C PHE A 181 18.67 3.42 -13.08
N LEU A 182 17.68 3.73 -13.93
CA LEU A 182 16.31 3.26 -13.73
C LEU A 182 16.20 1.75 -13.86
N GLU A 183 16.99 1.16 -14.74
CA GLU A 183 17.05 -0.28 -14.84
C GLU A 183 17.66 -0.89 -13.60
N ALA A 184 18.66 -0.24 -13.03
CA ALA A 184 19.39 -0.83 -11.90
C ALA A 184 18.56 -0.87 -10.64
N ILE A 185 17.73 0.17 -10.45
CA ILE A 185 16.87 0.22 -9.25
C ILE A 185 15.60 -0.62 -9.42
N GLY A 186 15.36 -1.14 -10.62
CA GLY A 186 14.32 -2.13 -10.80
C GLY A 186 13.23 -1.82 -11.79
N VAL A 187 13.29 -0.69 -12.49
CA VAL A 187 12.21 -0.30 -13.41
C VAL A 187 12.23 -1.18 -14.65
N GLN A 188 11.07 -1.78 -14.95
CA GLN A 188 10.91 -2.67 -16.09
C GLN A 188 10.17 -1.91 -17.19
N ARG A 189 8.98 -1.39 -16.88
CA ARG A 189 8.20 -0.61 -17.87
C ARG A 189 8.82 0.77 -18.17
N LYS A 190 10.07 0.74 -18.67
CA LYS A 190 10.73 1.87 -19.31
C LYS A 190 10.92 1.52 -20.78
N LEU A 191 10.22 0.46 -21.23
CA LEU A 191 10.12 0.15 -22.64
C LEU A 191 9.56 1.38 -23.36
N GLU A 192 8.95 2.30 -22.60
CA GLU A 192 8.76 3.69 -23.05
C GLU A 192 10.11 4.31 -23.39
N GLU A 193 10.59 3.99 -24.60
CA GLU A 193 11.87 4.51 -25.14
C GLU A 193 11.75 4.58 -26.68
N MET B 1 -4.03 17.81 8.27
CA MET B 1 -3.32 16.88 9.17
C MET B 1 -4.24 15.69 9.53
N VAL B 2 -4.47 14.79 8.57
CA VAL B 2 -5.31 13.63 8.83
C VAL B 2 -4.46 12.36 8.89
N SER B 3 -4.67 11.59 9.96
CA SER B 3 -3.93 10.35 10.23
C SER B 3 -4.52 9.15 9.52
N LEU B 4 -3.67 8.31 8.93
CA LEU B 4 -4.12 7.14 8.21
C LEU B 4 -4.05 5.90 9.09
N LEU B 5 -3.51 6.05 10.29
CA LEU B 5 -3.16 4.92 11.11
C LEU B 5 -4.28 4.65 12.09
N ARG B 6 -4.76 3.41 12.08
CA ARG B 6 -5.88 2.97 12.90
C ARG B 6 -5.45 1.65 13.51
N ARG B 7 -5.12 1.63 14.80
CA ARG B 7 -4.66 0.41 15.47
C ARG B 7 -5.88 -0.21 16.16
N THR B 8 -6.38 -1.32 15.63
CA THR B 8 -7.52 -2.03 16.20
C THR B 8 -7.34 -3.48 15.82
N PHE B 9 -8.07 -4.34 16.52
CA PHE B 9 -8.00 -5.77 16.23
C PHE B 9 -8.36 -5.96 14.75
N SER B 10 -9.46 -5.36 14.30
CA SER B 10 -9.81 -5.43 12.89
C SER B 10 -8.68 -5.01 11.95
N GLU B 11 -8.04 -3.85 12.16
CA GLU B 11 -7.03 -3.41 11.17
C GLU B 11 -5.83 -4.31 11.16
N GLU B 12 -5.40 -4.77 12.34
CA GLU B 12 -4.23 -5.64 12.44
C GLU B 12 -4.43 -6.96 11.70
N ILE B 13 -5.62 -7.53 11.88
CA ILE B 13 -6.09 -8.67 11.13
C ILE B 13 -6.04 -8.42 9.62
N LYS B 14 -6.63 -7.32 9.17
CA LYS B 14 -6.65 -6.98 7.75
C LYS B 14 -5.23 -6.72 7.20
N GLU B 15 -4.30 -6.32 8.07
CA GLU B 15 -2.93 -6.06 7.62
C GLU B 15 -2.34 -7.30 6.97
N GLU B 16 -2.49 -8.42 7.65
CA GLU B 16 -1.95 -9.66 7.12
C GLU B 16 -2.45 -9.89 5.70
N LEU B 17 -3.72 -9.61 5.44
CA LEU B 17 -4.34 -9.94 4.15
C LEU B 17 -3.90 -9.06 2.98
N VAL B 18 -3.21 -7.95 3.23
CA VAL B 18 -2.79 -7.10 2.13
C VAL B 18 -1.89 -7.88 1.13
N ASN B 19 -0.97 -8.70 1.63
CA ASN B 19 0.01 -9.37 0.78
C ASN B 19 -0.33 -10.80 0.42
N VAL B 20 -1.46 -11.30 0.91
CA VAL B 20 -1.95 -12.58 0.42
C VAL B 20 -1.74 -12.54 -1.09
N PRO B 21 -1.05 -13.52 -1.64
CA PRO B 21 -0.68 -13.32 -3.05
C PRO B 21 -1.87 -13.63 -3.94
N PHE B 22 -1.93 -12.92 -5.07
CA PHE B 22 -3.17 -12.70 -5.80
C PHE B 22 -3.94 -13.92 -6.34
N GLY B 23 -3.28 -14.70 -7.20
CA GLY B 23 -3.94 -15.81 -7.86
C GLY B 23 -4.36 -15.48 -9.27
N SER B 24 -5.30 -16.24 -9.80
CA SER B 24 -5.78 -16.02 -11.15
C SER B 24 -6.50 -14.68 -11.31
N ARG B 25 -6.58 -14.23 -12.55
CA ARG B 25 -7.37 -13.06 -12.90
C ARG B 25 -8.80 -13.14 -12.34
N GLU B 26 -9.41 -14.32 -12.44
CA GLU B 26 -10.81 -14.48 -12.04
C GLU B 26 -10.93 -14.35 -10.53
N GLU B 27 -9.92 -14.85 -9.82
CA GLU B 27 -9.88 -14.70 -8.37
C GLU B 27 -9.75 -13.22 -8.00
N VAL B 28 -8.90 -12.51 -8.75
CA VAL B 28 -8.70 -11.08 -8.51
C VAL B 28 -10.01 -10.29 -8.80
N ILE B 29 -10.69 -10.62 -9.88
CA ILE B 29 -11.99 -10.01 -10.15
C ILE B 29 -12.95 -10.28 -8.99
N SER B 30 -12.98 -11.52 -8.51
CA SER B 30 -13.85 -11.89 -7.39
C SER B 30 -13.61 -11.07 -6.14
N GLU B 31 -12.34 -10.81 -5.80
CA GLU B 31 -11.98 -9.92 -4.69
C GLU B 31 -12.66 -8.56 -4.86
N LEU B 32 -12.43 -7.98 -6.04
CA LEU B 32 -12.95 -6.66 -6.39
C LEU B 32 -14.47 -6.58 -6.25
N LEU B 33 -15.14 -7.68 -6.60
CA LEU B 33 -16.58 -7.76 -6.51
C LEU B 33 -17.03 -7.67 -5.06
N GLY B 34 -16.24 -8.29 -4.18
CA GLY B 34 -16.49 -8.21 -2.76
C GLY B 34 -16.31 -6.79 -2.29
N PHE B 35 -15.30 -6.11 -2.81
CA PHE B 35 -15.11 -4.68 -2.53
C PHE B 35 -16.31 -3.87 -2.96
N ILE B 36 -16.77 -4.17 -4.18
CA ILE B 36 -17.94 -3.51 -4.76
C ILE B 36 -19.21 -3.72 -3.94
N LYS B 37 -19.50 -4.97 -3.60
CA LYS B 37 -20.75 -5.29 -2.91
C LYS B 37 -20.79 -4.78 -1.46
N ALA B 38 -19.65 -4.74 -0.80
CA ALA B 38 -19.63 -4.27 0.56
C ALA B 38 -19.68 -2.74 0.63
N ARG B 39 -18.96 -2.05 -0.26
CA ARG B 39 -18.68 -0.65 -0.08
C ARG B 39 -18.51 0.13 -1.37
N GLY B 40 -19.09 -0.35 -2.46
CA GLY B 40 -18.93 0.26 -3.77
C GLY B 40 -20.20 0.93 -4.24
N ASP B 41 -20.21 2.25 -4.25
CA ASP B 41 -21.36 3.03 -4.67
C ASP B 41 -21.32 3.35 -6.18
N LEU B 42 -22.31 2.85 -6.93
CA LEU B 42 -22.27 2.94 -8.40
C LEU B 42 -23.22 4.02 -8.96
N ASP B 43 -23.78 4.84 -8.07
CA ASP B 43 -24.83 5.80 -8.42
C ASP B 43 -24.37 7.25 -8.34
N VAL B 44 -23.48 7.54 -7.39
CA VAL B 44 -22.98 8.91 -7.14
C VAL B 44 -22.25 9.53 -8.36
N LYS B 45 -21.55 8.71 -9.14
CA LYS B 45 -20.87 9.17 -10.37
C LYS B 45 -21.12 8.19 -11.53
N SER B 46 -21.92 8.61 -12.50
CA SER B 46 -22.21 7.80 -13.70
C SER B 46 -20.92 7.38 -14.41
N ARG B 47 -20.78 6.07 -14.62
CA ARG B 47 -19.59 5.46 -15.22
C ARG B 47 -18.36 5.60 -14.34
N HIS B 48 -18.59 5.72 -13.05
CA HIS B 48 -17.54 5.50 -12.09
C HIS B 48 -18.16 4.85 -10.89
N ILE B 49 -17.31 4.24 -10.10
CA ILE B 49 -17.68 3.63 -8.83
C ILE B 49 -16.81 4.27 -7.75
N VAL B 50 -17.42 4.52 -6.60
CA VAL B 50 -16.79 5.17 -5.49
C VAL B 50 -16.85 4.18 -4.34
N PHE B 51 -15.67 3.87 -3.81
CA PHE B 51 -15.55 2.99 -2.68
C PHE B 51 -15.19 3.87 -1.49
N SER B 52 -15.92 3.73 -0.40
CA SER B 52 -15.61 4.40 0.86
C SER B 52 -15.14 3.34 1.82
N LEU B 53 -13.91 3.46 2.28
CA LEU B 53 -13.31 2.44 3.13
C LEU B 53 -12.84 3.04 4.44
N HIS B 54 -13.15 2.39 5.55
CA HIS B 54 -12.65 2.87 6.83
C HIS B 54 -11.23 2.32 7.08
N SER B 55 -10.81 1.37 6.27
CA SER B 55 -9.61 0.61 6.46
C SER B 55 -8.51 1.00 5.48
N PHE B 56 -7.42 1.52 6.02
CA PHE B 56 -6.21 1.74 5.27
C PHE B 56 -5.73 0.44 4.62
N ALA B 57 -5.71 -0.67 5.36
CA ALA B 57 -5.30 -1.95 4.80
C ALA B 57 -6.14 -2.26 3.57
N ALA B 58 -7.45 -2.16 3.69
CA ALA B 58 -8.37 -2.38 2.56
C ALA B 58 -7.97 -1.58 1.32
N SER B 59 -7.61 -0.33 1.54
CA SER B 59 -7.38 0.60 0.44
C SER B 59 -6.13 0.22 -0.32
N ARG B 60 -5.12 -0.25 0.40
CA ARG B 60 -3.85 -0.68 -0.25
C ARG B 60 -4.11 -1.90 -1.14
N ARG B 61 -5.00 -2.77 -0.69
CA ARG B 61 -5.32 -3.97 -1.43
C ARG B 61 -6.04 -3.59 -2.70
N LEU B 62 -7.04 -2.73 -2.57
CA LEU B 62 -7.85 -2.35 -3.72
C LEU B 62 -7.01 -1.77 -4.84
N LEU B 63 -6.17 -0.81 -4.47
CA LEU B 63 -5.22 -0.22 -5.40
C LEU B 63 -4.36 -1.30 -6.04
N ASN B 64 -3.86 -2.23 -5.24
CA ASN B 64 -3.04 -3.32 -5.78
C ASN B 64 -3.82 -4.28 -6.67
N LEU B 65 -5.06 -4.60 -6.30
CA LEU B 65 -5.99 -5.29 -7.20
C LEU B 65 -6.12 -4.59 -8.55
N MET B 66 -6.33 -3.28 -8.53
CA MET B 66 -6.54 -2.52 -9.77
C MET B 66 -5.28 -2.52 -10.66
N LYS B 67 -4.12 -2.46 -10.00
CA LYS B 67 -2.82 -2.56 -10.65
C LYS B 67 -2.74 -3.87 -11.42
N TYR B 68 -3.12 -4.95 -10.76
CA TYR B 68 -3.03 -6.27 -11.36
C TYR B 68 -3.80 -6.28 -12.66
N LEU B 69 -5.00 -5.69 -12.63
CA LEU B 69 -5.89 -5.68 -13.79
C LEU B 69 -5.56 -4.56 -14.77
N SER B 70 -4.55 -3.76 -14.44
CA SER B 70 -4.21 -2.58 -15.23
C SER B 70 -5.45 -1.71 -15.42
N LYS B 71 -6.15 -1.44 -14.34
CA LYS B 71 -7.29 -0.55 -14.41
C LYS B 71 -6.99 0.71 -13.60
N PRO B 72 -7.06 1.87 -14.25
CA PRO B 72 -6.63 3.10 -13.59
C PRO B 72 -7.66 3.59 -12.58
N VAL B 73 -7.17 3.88 -11.38
CA VAL B 73 -7.92 4.64 -10.39
C VAL B 73 -7.91 6.09 -10.87
N SER B 74 -8.95 6.85 -10.53
CA SER B 74 -9.01 8.24 -10.95
C SER B 74 -8.90 9.20 -9.78
N GLU B 75 -9.23 8.75 -8.58
CA GLU B 75 -9.05 9.62 -7.42
C GLU B 75 -8.93 8.84 -6.14
N ILE B 76 -8.06 9.32 -5.26
CA ILE B 76 -7.91 8.78 -3.91
C ILE B 76 -7.93 9.96 -2.98
N ILE B 77 -8.87 9.98 -2.05
CA ILE B 77 -9.11 11.13 -1.19
C ILE B 77 -9.28 10.66 0.24
N VAL B 78 -8.59 11.29 1.18
CA VAL B 78 -8.71 11.01 2.62
C VAL B 78 -9.67 12.03 3.19
N GLU B 79 -10.68 11.56 3.92
CA GLU B 79 -11.69 12.44 4.50
C GLU B 79 -11.61 12.37 6.02
N LYS B 80 -11.22 13.48 6.63
CA LYS B 80 -11.06 13.62 8.08
C LYS B 80 -12.42 13.54 8.77
N SER B 81 -12.54 12.60 9.72
CA SER B 81 -13.70 12.53 10.61
C SER B 81 -13.59 13.69 11.61
N HIS B 82 -14.44 13.68 12.63
CA HIS B 82 -14.37 14.65 13.75
C HIS B 82 -12.94 14.82 14.28
N ASN B 83 -12.33 13.68 14.65
CA ASN B 83 -10.94 13.54 15.11
C ASN B 83 -9.86 13.73 14.01
N ILE B 84 -8.58 13.74 14.43
CA ILE B 84 -7.42 13.64 13.51
C ILE B 84 -7.40 12.33 12.71
N LYS B 85 -7.96 11.25 13.28
CA LYS B 85 -8.12 9.99 12.56
C LYS B 85 -9.07 10.22 11.41
N LYS B 86 -8.89 9.47 10.33
CA LYS B 86 -9.73 9.60 9.16
C LYS B 86 -11.06 8.87 9.40
N ARG B 87 -12.11 9.38 8.77
CA ARG B 87 -13.38 8.66 8.70
C ARG B 87 -13.23 7.65 7.56
N TYR B 88 -13.04 8.17 6.34
CA TYR B 88 -13.13 7.36 5.13
C TYR B 88 -11.91 7.62 4.24
N ILE B 89 -11.54 6.63 3.44
CA ILE B 89 -10.70 6.80 2.26
C ILE B 89 -11.59 6.58 1.02
N LYS B 90 -11.84 7.61 0.21
CA LYS B 90 -12.70 7.50 -0.99
C LYS B 90 -11.84 7.21 -2.21
N ILE B 91 -11.96 6.00 -2.75
CA ILE B 91 -11.26 5.66 -3.99
C ILE B 91 -12.28 5.61 -5.15
N THR B 92 -12.02 6.39 -6.19
CA THR B 92 -12.87 6.46 -7.37
C THR B 92 -12.20 5.81 -8.58
N ALA B 93 -12.98 5.13 -9.39
CA ALA B 93 -12.48 4.50 -10.60
C ALA B 93 -13.61 4.43 -11.64
N GLU B 94 -13.27 4.55 -12.91
CA GLU B 94 -14.24 4.28 -13.97
C GLU B 94 -14.73 2.85 -13.83
N TYR B 95 -15.91 2.58 -14.38
CA TYR B 95 -16.56 1.30 -14.17
C TYR B 95 -17.11 0.72 -15.47
N SER B 96 -16.73 -0.53 -15.76
CA SER B 96 -17.28 -1.31 -16.86
C SER B 96 -17.74 -2.64 -16.30
N GLU B 97 -18.81 -3.20 -16.86
CA GLU B 97 -19.26 -4.55 -16.50
C GLU B 97 -18.43 -5.67 -17.17
N SER B 98 -17.12 -5.62 -16.96
CA SER B 98 -16.22 -6.76 -17.12
C SER B 98 -15.90 -7.30 -15.73
N PHE B 99 -16.01 -6.44 -14.71
CA PHE B 99 -15.69 -6.77 -13.31
C PHE B 99 -16.76 -7.63 -12.66
N MET B 100 -17.99 -7.51 -13.12
CA MET B 100 -19.02 -8.48 -12.76
C MET B 100 -19.42 -9.18 -14.04
N VAL B 101 -18.50 -9.98 -14.56
CA VAL B 101 -18.83 -11.00 -15.55
C VAL B 101 -18.66 -12.36 -14.86
N ILE B 102 -18.68 -12.31 -13.51
CA ILE B 102 -18.20 -13.43 -12.70
C ILE B 102 -19.19 -13.73 -11.57
N GLU B 103 -19.60 -14.99 -11.42
CA GLU B 103 -20.40 -15.42 -10.26
C GLU B 103 -19.47 -16.23 -9.37
N PRO B 104 -19.18 -15.74 -8.16
CA PRO B 104 -18.14 -16.35 -7.36
C PRO B 104 -18.65 -17.30 -6.29
N PHE B 105 -19.86 -17.83 -6.41
CA PHE B 105 -20.43 -18.61 -5.31
C PHE B 105 -20.29 -20.12 -5.46
N PHE B 106 -19.95 -20.60 -6.66
CA PHE B 106 -19.98 -22.04 -6.96
C PHE B 106 -18.61 -22.67 -7.11
N ASP B 107 -17.57 -21.84 -6.99
CA ASP B 107 -16.19 -22.28 -7.04
C ASP B 107 -15.58 -21.79 -5.74
N VAL B 108 -15.18 -22.71 -4.87
CA VAL B 108 -14.62 -22.33 -3.57
C VAL B 108 -13.46 -21.35 -3.71
N ALA B 109 -12.61 -21.55 -4.72
CA ALA B 109 -11.46 -20.65 -4.97
C ALA B 109 -11.91 -19.19 -5.16
N LEU B 110 -12.89 -18.98 -6.02
CA LEU B 110 -13.39 -17.63 -6.28
C LEU B 110 -14.16 -17.06 -5.08
N PHE B 111 -14.89 -17.93 -4.38
CA PHE B 111 -15.73 -17.50 -3.27
C PHE B 111 -14.87 -16.96 -2.13
N VAL B 112 -13.80 -17.70 -1.85
CA VAL B 112 -12.80 -17.28 -0.86
C VAL B 112 -12.22 -15.91 -1.18
N SER B 113 -11.82 -15.72 -2.45
CA SER B 113 -11.34 -14.42 -2.91
CA SER B 113 -11.35 -14.42 -2.93
C SER B 113 -12.46 -13.40 -2.69
N PHE B 114 -13.67 -13.74 -3.09
CA PHE B 114 -14.82 -12.84 -2.91
C PHE B 114 -15.01 -12.44 -1.42
N LEU B 115 -14.97 -13.41 -0.52
CA LEU B 115 -15.06 -13.15 0.94
C LEU B 115 -13.96 -12.22 1.46
N ARG B 116 -12.72 -12.40 0.95
CA ARG B 116 -11.61 -11.51 1.33
C ARG B 116 -11.95 -10.06 1.00
N GLY B 117 -12.56 -9.83 -0.17
CA GLY B 117 -12.93 -8.49 -0.61
C GLY B 117 -13.93 -7.86 0.34
N LEU B 118 -15.06 -8.54 0.50
CA LEU B 118 -16.06 -8.20 1.52
C LEU B 118 -15.45 -7.87 2.89
N PHE B 119 -14.63 -8.76 3.41
CA PHE B 119 -14.15 -8.57 4.78
C PHE B 119 -13.28 -7.32 4.86
N LEU B 120 -12.40 -7.16 3.88
CA LEU B 120 -11.52 -6.01 3.87
C LEU B 120 -12.32 -4.70 3.82
N SER B 121 -13.19 -4.58 2.85
CA SER B 121 -13.86 -3.34 2.60
C SER B 121 -14.96 -3.05 3.63
N GLY B 122 -15.73 -4.08 4.00
CA GLY B 122 -16.92 -3.91 4.85
C GLY B 122 -16.93 -4.67 6.16
N GLY B 123 -15.85 -5.35 6.48
CA GLY B 123 -15.84 -6.27 7.60
C GLY B 123 -15.27 -5.67 8.85
N SER B 124 -15.68 -6.20 9.97
CA SER B 124 -15.02 -5.87 11.21
C SER B 124 -15.25 -6.98 12.22
N MET B 125 -14.39 -7.05 13.19
CA MET B 125 -14.58 -8.01 14.24
C MET B 125 -14.03 -7.49 15.54
N THR B 126 -14.63 -8.00 16.59
CA THR B 126 -14.21 -7.65 17.91
C THR B 126 -13.07 -8.62 18.31
N ASN B 127 -12.26 -8.25 19.30
CA ASN B 127 -11.21 -9.12 19.81
C ASN B 127 -11.88 -10.27 20.51
N PRO B 128 -11.62 -11.53 20.08
CA PRO B 128 -12.22 -12.72 20.71
C PRO B 128 -11.82 -12.93 22.14
N ARG B 129 -10.80 -12.21 22.62
CA ARG B 129 -10.45 -12.29 24.01
C ARG B 129 -11.59 -11.76 24.87
N TYR B 130 -12.46 -10.90 24.36
CA TYR B 130 -13.61 -10.51 25.17
C TYR B 130 -14.99 -10.72 24.56
N HIS B 131 -15.09 -10.99 23.27
CA HIS B 131 -16.40 -11.10 22.64
C HIS B 131 -16.30 -11.65 21.23
N TYR B 132 -17.23 -12.55 20.88
CA TYR B 132 -17.26 -13.15 19.55
C TYR B 132 -18.28 -12.48 18.67
N HIS B 133 -17.77 -11.76 17.67
CA HIS B 133 -18.60 -10.97 16.78
C HIS B 133 -17.84 -10.57 15.53
N LEU B 134 -18.28 -11.03 14.37
CA LEU B 134 -17.76 -10.59 13.09
C LEU B 134 -18.95 -10.18 12.17
N GLU B 135 -18.79 -9.05 11.47
CA GLU B 135 -19.81 -8.38 10.67
C GLU B 135 -19.18 -7.96 9.38
N ILE B 136 -19.96 -8.03 8.30
CA ILE B 136 -19.58 -7.49 7.02
C ILE B 136 -20.74 -6.72 6.44
N ASN B 137 -20.47 -5.49 6.04
CA ASN B 137 -21.49 -4.71 5.41
C ASN B 137 -21.81 -5.32 4.05
N LEU B 138 -23.08 -5.67 3.83
CA LEU B 138 -23.52 -6.21 2.56
C LEU B 138 -25.01 -5.94 2.37
N PHE B 139 -25.35 -4.85 1.69
CA PHE B 139 -26.75 -4.41 1.60
C PHE B 139 -27.64 -5.31 0.74
N GLU B 140 -27.07 -5.84 -0.33
CA GLU B 140 -27.90 -6.40 -1.38
C GLU B 140 -28.44 -7.73 -0.88
N GLU B 141 -29.77 -7.85 -0.87
CA GLU B 141 -30.40 -9.04 -0.28
C GLU B 141 -30.01 -10.30 -1.04
N GLU B 142 -30.02 -10.24 -2.37
CA GLU B 142 -29.73 -11.42 -3.20
C GLU B 142 -28.32 -11.91 -2.95
N THR B 143 -27.36 -10.99 -2.87
CA THR B 143 -25.97 -11.32 -2.58
C THR B 143 -25.79 -11.85 -1.13
N LEU B 144 -26.32 -11.10 -0.16
CA LEU B 144 -26.44 -11.56 1.22
C LEU B 144 -26.87 -13.02 1.34
N ALA B 145 -27.95 -13.38 0.65
CA ALA B 145 -28.49 -14.73 0.72
C ALA B 145 -27.51 -15.75 0.12
N LEU B 146 -26.98 -15.46 -1.06
CA LEU B 146 -26.07 -16.38 -1.76
C LEU B 146 -24.74 -16.53 -1.01
N THR B 147 -24.30 -15.47 -0.34
CA THR B 147 -23.12 -15.56 0.48
C THR B 147 -23.33 -16.39 1.74
N ARG B 148 -24.53 -16.35 2.32
CA ARG B 148 -24.83 -17.19 3.51
C ARG B 148 -24.88 -18.64 3.10
N LYS B 149 -25.51 -18.90 1.96
CA LYS B 149 -25.62 -20.25 1.45
C LYS B 149 -24.25 -20.87 1.22
N SER B 150 -23.36 -20.16 0.49
CA SER B 150 -22.02 -20.70 0.25
C SER B 150 -21.13 -20.84 1.50
N LEU B 151 -21.32 -20.00 2.52
CA LEU B 151 -20.55 -20.13 3.78
C LEU B 151 -20.93 -21.45 4.47
N LYS B 152 -22.21 -21.78 4.38
CA LYS B 152 -22.70 -23.03 4.92
C LYS B 152 -22.18 -24.17 4.06
N ASP B 153 -22.33 -24.06 2.74
CA ASP B 153 -21.97 -25.19 1.87
C ASP B 153 -20.47 -25.52 1.91
N PHE B 154 -19.61 -24.54 1.69
CA PHE B 154 -18.15 -24.77 1.67
C PHE B 154 -17.48 -24.94 3.02
N PHE B 155 -17.90 -24.17 4.03
CA PHE B 155 -17.24 -24.21 5.34
C PHE B 155 -18.15 -24.51 6.51
N ASN B 156 -19.39 -24.89 6.25
CA ASN B 156 -20.31 -25.26 7.32
C ASN B 156 -20.46 -24.14 8.31
N ILE B 157 -20.43 -22.92 7.80
CA ILE B 157 -20.48 -21.76 8.66
C ILE B 157 -21.92 -21.26 8.71
N ASN B 158 -22.40 -20.94 9.90
CA ASN B 158 -23.74 -20.37 10.06
C ASN B 158 -23.68 -18.85 10.24
N ALA B 159 -23.94 -18.14 9.16
CA ALA B 159 -23.91 -16.69 9.17
C ALA B 159 -25.37 -16.24 9.27
N GLY B 160 -25.60 -15.16 10.01
CA GLY B 160 -26.91 -14.57 10.13
C GLY B 160 -26.94 -13.22 9.46
N ILE B 161 -28.03 -12.47 9.67
CA ILE B 161 -28.25 -11.15 9.06
C ILE B 161 -28.56 -10.17 10.16
N ILE B 162 -27.96 -8.99 10.13
CA ILE B 162 -28.34 -7.92 11.05
C ILE B 162 -29.04 -6.87 10.20
N GLU B 163 -30.22 -6.44 10.63
CA GLU B 163 -30.90 -5.34 10.01
C GLU B 163 -31.10 -4.21 11.00
N LEU B 164 -30.43 -3.11 10.72
CA LEU B 164 -30.56 -1.88 11.51
C LEU B 164 -30.56 -0.64 10.59
N ARG B 165 -31.65 0.11 10.57
CA ARG B 165 -31.69 1.41 9.88
C ARG B 165 -31.17 1.39 8.43
N ASN B 166 -31.83 0.70 7.52
CA ASN B 166 -31.36 0.72 6.12
C ASN B 166 -29.92 0.24 5.95
N THR B 167 -29.45 -0.62 6.85
CA THR B 167 -28.22 -1.39 6.60
C THR B 167 -28.47 -2.86 6.85
N ARG B 168 -27.61 -3.68 6.25
CA ARG B 168 -27.61 -5.12 6.44
C ARG B 168 -26.18 -5.57 6.61
N LYS B 169 -25.96 -6.48 7.57
CA LYS B 169 -24.67 -7.10 7.77
C LYS B 169 -24.81 -8.59 7.73
N LEU B 170 -23.84 -9.21 7.10
CA LEU B 170 -23.55 -10.61 7.29
C LEU B 170 -23.02 -10.68 8.74
N TYR B 171 -23.48 -11.66 9.53
CA TYR B 171 -23.14 -11.76 10.96
C TYR B 171 -22.66 -13.16 11.29
N ILE B 172 -21.52 -13.22 11.98
CA ILE B 172 -21.01 -14.50 12.51
C ILE B 172 -20.66 -14.32 13.99
N LYS B 173 -21.14 -15.25 14.81
CA LYS B 173 -21.17 -15.15 16.26
C LYS B 173 -20.29 -16.22 16.91
N SER B 174 -20.16 -17.35 16.23
CA SER B 174 -19.48 -18.52 16.79
C SER B 174 -17.99 -18.42 16.49
N ILE B 175 -17.17 -18.54 17.54
CA ILE B 175 -15.72 -18.47 17.39
C ILE B 175 -15.15 -19.51 16.44
N LYS B 176 -15.75 -20.71 16.38
CA LYS B 176 -15.32 -21.71 15.41
C LYS B 176 -15.50 -21.17 13.98
N ASP B 177 -16.72 -20.74 13.65
CA ASP B 177 -17.03 -20.14 12.37
C ASP B 177 -16.16 -18.90 12.06
N ILE B 178 -15.83 -18.12 13.08
CA ILE B 178 -14.99 -16.93 12.85
C ILE B 178 -13.61 -17.40 12.43
N LEU B 179 -13.09 -18.35 13.18
CA LEU B 179 -11.78 -18.90 12.90
C LEU B 179 -11.70 -19.57 11.54
N VAL B 180 -12.69 -20.42 11.21
CA VAL B 180 -12.70 -21.05 9.88
C VAL B 180 -12.77 -19.96 8.80
N PHE B 181 -13.56 -18.93 9.05
CA PHE B 181 -13.68 -17.83 8.11
C PHE B 181 -12.36 -17.09 7.88
N LEU B 182 -11.67 -16.72 8.97
CA LEU B 182 -10.45 -15.94 8.84
C LEU B 182 -9.36 -16.80 8.19
N GLU B 183 -9.30 -18.06 8.59
CA GLU B 183 -8.34 -18.98 8.01
C GLU B 183 -8.53 -19.03 6.51
N ALA B 184 -9.78 -19.22 6.09
CA ALA B 184 -10.12 -19.34 4.67
C ALA B 184 -9.70 -18.14 3.83
N ILE B 185 -9.87 -16.92 4.34
CA ILE B 185 -9.50 -15.75 3.52
C ILE B 185 -7.98 -15.43 3.57
N GLY B 186 -7.25 -16.10 4.47
CA GLY B 186 -5.83 -16.02 4.51
C GLY B 186 -5.12 -15.58 5.77
N VAL B 187 -5.77 -15.52 6.93
CA VAL B 187 -4.98 -15.16 8.11
C VAL B 187 -4.38 -16.41 8.72
N GLN B 188 -3.07 -16.37 8.95
CA GLN B 188 -2.29 -17.54 9.38
C GLN B 188 -1.74 -17.38 10.76
N ARG B 189 -1.54 -16.14 11.20
CA ARG B 189 -1.10 -15.89 12.57
C ARG B 189 -2.17 -16.27 13.57
N LYS B 190 -1.73 -16.64 14.75
CA LYS B 190 -2.65 -17.07 15.79
C LYS B 190 -3.08 -15.82 16.52
N LEU B 191 -4.18 -15.89 17.25
CA LEU B 191 -4.54 -14.83 18.21
C LEU B 191 -3.49 -14.04 19.09
N GLU B 192 -2.20 -14.09 18.73
CA GLU B 192 -1.13 -13.23 19.28
C GLU B 192 -1.19 -11.72 18.95
N GLU B 193 -2.03 -11.32 18.01
CA GLU B 193 -2.17 -9.91 17.60
C GLU B 193 -2.85 -9.11 18.66
N ILE B 194 -3.47 -9.84 19.57
CA ILE B 194 -3.85 -9.32 20.87
C ILE B 194 -2.66 -8.54 21.42
N ASP B 195 -1.48 -9.14 21.31
CA ASP B 195 -0.24 -8.55 21.80
C ASP B 195 0.12 -7.33 20.97
N ARG B 196 0.04 -7.41 19.65
CA ARG B 196 0.42 -6.26 18.79
C ARG B 196 -0.55 -5.11 18.99
N ILE B 197 -1.86 -5.41 19.05
CA ILE B 197 -2.89 -4.41 19.30
C ILE B 197 -2.77 -3.79 20.70
N VAL B 198 -2.44 -4.59 21.71
CA VAL B 198 -2.22 -4.08 23.08
C VAL B 198 -0.82 -3.42 23.34
#